data_3L7P
#
_entry.id   3L7P
#
_cell.length_a   60.805
_cell.length_b   60.805
_cell.length_c   147.393
_cell.angle_alpha   90.00
_cell.angle_beta   90.00
_cell.angle_gamma   90.00
#
_symmetry.space_group_name_H-M   'P 41'
#
loop_
_entity.id
_entity.type
_entity.pdbx_description
1 polymer 'Putative nitrogen regulatory protein PII'
2 water water
#
_entity_poly.entity_id   1
_entity_poly.type   'polypeptide(L)'
_entity_poly.pdbx_seq_one_letter_code
;GSMKKIEAIIRSDKLEDLKAALVQSGFIKGMTISQVLGFGNQRGYTEYVRGQKITPTLLAKVKVEIVAHDAAVEEMITTI
SQAVKTGEVGDGKIFVSPVDEIVRIRTGERDGDAI
;
_entity_poly.pdbx_strand_id   A,B,C,D,E,F
#
# COMPACT_ATOMS: atom_id res chain seq x y z
N MET A 3 -14.12 -23.66 8.19
CA MET A 3 -13.95 -22.18 7.98
C MET A 3 -13.69 -21.98 6.50
N LYS A 4 -13.97 -20.76 5.96
CA LYS A 4 -13.69 -20.50 4.54
C LYS A 4 -13.13 -19.10 4.49
N LYS A 5 -12.29 -18.82 3.50
CA LYS A 5 -11.81 -17.47 3.32
C LYS A 5 -12.65 -16.84 2.21
N ILE A 6 -13.17 -15.63 2.45
CA ILE A 6 -13.90 -14.87 1.44
C ILE A 6 -13.07 -13.66 1.05
N GLU A 7 -12.68 -13.56 -0.22
CA GLU A 7 -12.02 -12.33 -0.71
C GLU A 7 -12.94 -11.72 -1.75
N ALA A 8 -12.96 -10.39 -1.82
CA ALA A 8 -13.90 -9.68 -2.70
C ALA A 8 -13.13 -8.52 -3.22
N ILE A 9 -13.12 -8.40 -4.54
CA ILE A 9 -12.55 -7.28 -5.20
C ILE A 9 -13.70 -6.46 -5.73
N ILE A 10 -13.80 -5.23 -5.26
CA ILE A 10 -14.98 -4.40 -5.44
C ILE A 10 -14.60 -3.01 -5.95
N ARG A 11 -15.59 -2.34 -6.59
CA ARG A 11 -15.47 -0.91 -6.89
C ARG A 11 -15.12 -0.15 -5.65
N SER A 12 -14.11 0.71 -5.78
CA SER A 12 -13.65 1.50 -4.66
C SER A 12 -14.70 2.35 -4.01
N ASP A 13 -15.65 2.87 -4.77
CA ASP A 13 -16.64 3.83 -4.23
C ASP A 13 -17.74 3.15 -3.38
N LYS A 14 -17.67 1.80 -3.30
CA LYS A 14 -18.61 0.97 -2.49
C LYS A 14 -18.00 0.61 -1.16
N LEU A 15 -16.81 1.15 -0.87
CA LEU A 15 -16.15 0.76 0.35
C LEU A 15 -16.99 1.06 1.58
N GLU A 16 -17.60 2.25 1.66
CA GLU A 16 -18.34 2.61 2.87
C GLU A 16 -19.63 1.79 3.03
N ASP A 17 -20.36 1.63 1.94
CA ASP A 17 -21.62 0.88 1.94
C ASP A 17 -21.34 -0.53 2.51
N LEU A 18 -20.23 -1.11 2.06
CA LEU A 18 -19.93 -2.45 2.52
C LEU A 18 -19.54 -2.48 3.97
N LYS A 19 -18.69 -1.54 4.38
CA LYS A 19 -18.29 -1.45 5.77
C LYS A 19 -19.50 -1.37 6.70
N ALA A 20 -20.45 -0.52 6.36
CA ALA A 20 -21.59 -0.29 7.29
C ALA A 20 -22.52 -1.49 7.22
N ALA A 21 -22.68 -2.05 6.03
CA ALA A 21 -23.37 -3.35 5.92
C ALA A 21 -22.75 -4.39 6.94
N LEU A 22 -21.43 -4.60 6.92
CA LEU A 22 -20.78 -5.53 7.91
C LEU A 22 -20.85 -5.07 9.37
N VAL A 23 -20.78 -3.76 9.59
CA VAL A 23 -21.01 -3.22 10.91
C VAL A 23 -22.36 -3.76 11.41
N GLN A 24 -23.40 -3.56 10.59
CA GLN A 24 -24.74 -3.98 10.96
C GLN A 24 -24.81 -5.47 11.27
N SER A 25 -24.21 -6.28 10.38
CA SER A 25 -24.26 -7.76 10.42
C SER A 25 -23.51 -8.28 11.63
N GLY A 26 -22.68 -7.43 12.25
CA GLY A 26 -21.78 -7.86 13.33
C GLY A 26 -20.57 -8.65 12.91
N PHE A 27 -20.16 -8.50 11.66
CA PHE A 27 -19.00 -9.18 11.17
C PHE A 27 -17.75 -8.33 10.99
N ILE A 28 -17.90 -7.01 11.18
CA ILE A 28 -16.84 -6.04 10.82
C ILE A 28 -15.44 -6.43 11.37
N LYS A 29 -15.40 -6.87 12.63
CA LYS A 29 -14.10 -7.22 13.24
C LYS A 29 -13.29 -8.30 12.49
N GLY A 30 -13.96 -9.15 11.72
CA GLY A 30 -13.25 -10.16 10.95
C GLY A 30 -12.71 -9.62 9.62
N MET A 31 -12.99 -8.33 9.30
CA MET A 31 -12.72 -7.83 7.97
C MET A 31 -11.38 -7.04 7.83
N THR A 32 -10.65 -7.35 6.77
CA THR A 32 -9.43 -6.63 6.45
C THR A 32 -9.63 -5.96 5.08
N ILE A 33 -9.20 -4.71 4.91
CA ILE A 33 -9.29 -4.07 3.65
C ILE A 33 -7.99 -3.52 3.09
N SER A 34 -7.80 -3.72 1.82
CA SER A 34 -6.68 -3.03 1.20
C SER A 34 -7.11 -2.46 -0.15
N GLN A 35 -6.20 -1.74 -0.81
CA GLN A 35 -6.49 -1.25 -2.14
C GLN A 35 -5.54 -1.97 -3.08
N VAL A 36 -6.00 -2.36 -4.24
CA VAL A 36 -5.16 -3.04 -5.23
C VAL A 36 -5.44 -2.39 -6.58
N LEU A 37 -4.64 -2.74 -7.56
CA LEU A 37 -4.89 -2.28 -8.89
C LEU A 37 -5.44 -3.35 -9.82
N GLY A 38 -6.48 -3.05 -10.54
CA GLY A 38 -6.93 -4.02 -11.54
C GLY A 38 -6.91 -3.37 -12.89
N PHE A 39 -7.62 -4.01 -13.82
CA PHE A 39 -7.62 -3.61 -15.23
C PHE A 39 -8.93 -3.92 -15.92
N GLY A 40 -9.44 -2.94 -16.69
CA GLY A 40 -10.72 -3.03 -17.39
C GLY A 40 -10.71 -2.56 -18.85
N THR A 57 -6.82 -0.34 -19.65
CA THR A 57 -7.62 0.43 -18.68
C THR A 57 -7.11 0.13 -17.26
N LEU A 58 -6.96 1.16 -16.39
CA LEU A 58 -6.38 1.00 -15.00
C LEU A 58 -7.37 1.28 -13.94
N LEU A 59 -7.59 0.32 -13.03
CA LEU A 59 -8.63 0.47 -12.02
C LEU A 59 -8.12 0.47 -10.58
N ALA A 60 -8.60 1.40 -9.75
CA ALA A 60 -8.30 1.38 -8.32
C ALA A 60 -9.38 0.53 -7.69
N LYS A 61 -8.98 -0.62 -7.14
CA LYS A 61 -9.99 -1.49 -6.52
C LYS A 61 -9.86 -1.52 -5.02
N VAL A 62 -10.89 -1.98 -4.36
CA VAL A 62 -10.82 -2.26 -2.95
C VAL A 62 -10.90 -3.78 -2.83
N LYS A 63 -10.01 -4.33 -2.01
CA LYS A 63 -10.03 -5.76 -1.69
C LYS A 63 -10.36 -6.02 -0.24
N VAL A 64 -11.33 -6.90 -0.03
CA VAL A 64 -11.86 -7.16 1.27
C VAL A 64 -11.52 -8.64 1.57
N GLU A 65 -11.07 -8.89 2.79
CA GLU A 65 -10.79 -10.29 3.25
C GLU A 65 -11.42 -10.60 4.58
N ILE A 66 -12.03 -11.78 4.65
CA ILE A 66 -12.69 -12.19 5.87
C ILE A 66 -12.62 -13.71 5.92
N VAL A 67 -12.22 -14.25 7.07
CA VAL A 67 -12.24 -15.71 7.26
C VAL A 67 -13.52 -15.96 8.03
N ALA A 68 -14.41 -16.82 7.53
CA ALA A 68 -15.76 -16.92 8.11
C ALA A 68 -16.10 -18.38 8.40
N HIS A 69 -17.07 -18.60 9.29
CA HIS A 69 -17.51 -19.95 9.53
C HIS A 69 -18.21 -20.39 8.29
N ASP A 70 -18.13 -21.65 7.97
CA ASP A 70 -18.81 -22.14 6.75
C ASP A 70 -20.30 -21.74 6.78
N ALA A 71 -20.93 -21.71 7.97
CA ALA A 71 -22.42 -21.44 8.05
C ALA A 71 -22.76 -19.98 7.74
N ALA A 72 -21.75 -19.11 7.79
CA ALA A 72 -21.87 -17.69 7.52
C ALA A 72 -21.58 -17.25 6.08
N VAL A 73 -21.06 -18.15 5.27
CA VAL A 73 -20.67 -17.84 3.90
C VAL A 73 -21.81 -17.36 2.99
N GLU A 74 -22.97 -18.00 3.07
CA GLU A 74 -24.12 -17.54 2.28
C GLU A 74 -24.53 -16.13 2.66
N GLU A 75 -24.59 -15.85 3.95
CA GLU A 75 -24.93 -14.52 4.42
C GLU A 75 -23.92 -13.49 3.92
N MET A 76 -22.65 -13.78 4.14
CA MET A 76 -21.58 -12.91 3.69
C MET A 76 -21.64 -12.55 2.21
N ILE A 77 -21.79 -13.57 1.38
CA ILE A 77 -21.93 -13.37 -0.06
C ILE A 77 -23.11 -12.44 -0.32
N THR A 78 -24.21 -12.71 0.35
CA THR A 78 -25.42 -11.89 0.14
C THR A 78 -25.14 -10.43 0.59
N THR A 79 -24.56 -10.25 1.77
CA THR A 79 -24.25 -8.92 2.30
C THR A 79 -23.36 -8.16 1.34
N ILE A 80 -22.30 -8.80 0.86
CA ILE A 80 -21.35 -8.11 -0.03
C ILE A 80 -21.98 -7.75 -1.34
N SER A 81 -22.64 -8.72 -1.97
CA SER A 81 -23.21 -8.50 -3.30
C SER A 81 -24.25 -7.34 -3.26
N GLN A 82 -25.11 -7.39 -2.25
CA GLN A 82 -26.18 -6.42 -2.08
C GLN A 82 -25.65 -5.02 -1.80
N ALA A 83 -24.61 -4.91 -0.96
CA ALA A 83 -23.95 -3.65 -0.70
C ALA A 83 -23.20 -3.02 -1.90
N VAL A 84 -22.60 -3.85 -2.78
CA VAL A 84 -21.67 -3.40 -3.81
C VAL A 84 -22.25 -3.27 -5.24
N LYS A 85 -23.30 -3.98 -5.52
CA LYS A 85 -23.81 -4.10 -6.86
C LYS A 85 -24.43 -2.80 -7.34
N THR A 86 -24.43 -2.62 -8.64
CA THR A 86 -24.97 -1.42 -9.26
C THR A 86 -25.69 -1.74 -10.51
N GLY A 87 -25.72 -3.00 -10.92
CA GLY A 87 -26.34 -3.38 -12.17
C GLY A 87 -25.57 -3.52 -13.49
N GLY A 92 -17.79 -5.96 -9.32
CA GLY A 92 -16.69 -6.84 -8.81
C GLY A 92 -16.94 -8.31 -8.59
N LYS A 93 -16.11 -8.95 -7.76
CA LYS A 93 -16.17 -10.40 -7.60
C LYS A 93 -15.76 -10.90 -6.23
N ILE A 94 -16.26 -12.11 -5.89
CA ILE A 94 -16.05 -12.66 -4.58
C ILE A 94 -15.53 -14.08 -4.76
N PHE A 95 -14.45 -14.41 -4.09
CA PHE A 95 -13.86 -15.78 -4.15
C PHE A 95 -14.05 -16.40 -2.78
N VAL A 96 -14.51 -17.64 -2.72
CA VAL A 96 -14.59 -18.37 -1.48
C VAL A 96 -13.57 -19.50 -1.59
N SER A 97 -12.69 -19.59 -0.62
CA SER A 97 -11.72 -20.65 -0.73
C SER A 97 -11.55 -21.41 0.59
N PRO A 98 -10.99 -22.64 0.51
CA PRO A 98 -10.98 -23.37 1.77
C PRO A 98 -9.87 -22.97 2.78
N VAL A 99 -10.16 -23.18 4.05
CA VAL A 99 -9.21 -22.92 5.11
C VAL A 99 -9.07 -24.22 5.90
N ASP A 100 -7.87 -24.73 6.01
CA ASP A 100 -7.59 -25.87 6.91
C ASP A 100 -7.79 -25.58 8.40
N GLU A 101 -7.28 -24.46 8.92
CA GLU A 101 -7.60 -24.04 10.28
C GLU A 101 -7.32 -22.60 10.53
N ILE A 102 -7.93 -22.13 11.61
CA ILE A 102 -7.63 -20.82 12.17
C ILE A 102 -7.20 -21.02 13.62
N VAL A 103 -6.17 -20.29 14.02
CA VAL A 103 -5.70 -20.16 15.39
C VAL A 103 -5.82 -18.68 15.83
N ARG A 104 -6.56 -18.42 16.91
CA ARG A 104 -6.63 -17.05 17.45
C ARG A 104 -5.45 -16.89 18.38
N ILE A 105 -4.64 -15.84 18.19
CA ILE A 105 -3.38 -15.70 18.90
C ILE A 105 -3.51 -15.34 20.40
N MET B 3 10.99 24.68 -9.95
CA MET B 3 10.16 23.45 -10.09
C MET B 3 9.09 23.48 -9.04
N LYS B 4 7.93 22.82 -9.28
CA LYS B 4 6.95 22.68 -8.19
C LYS B 4 6.51 21.25 -7.96
N LYS B 5 5.93 20.97 -6.80
CA LYS B 5 5.27 19.67 -6.62
C LYS B 5 3.79 19.87 -6.77
N ILE B 6 3.14 19.07 -7.63
CA ILE B 6 1.68 19.08 -7.68
C ILE B 6 1.10 17.76 -7.05
N GLU B 7 0.29 17.88 -6.01
CA GLU B 7 -0.37 16.72 -5.39
C GLU B 7 -1.88 16.86 -5.58
N ALA B 8 -2.57 15.73 -5.72
CA ALA B 8 -4.03 15.71 -5.85
C ALA B 8 -4.59 14.46 -5.20
N ILE B 9 -5.71 14.63 -4.49
CA ILE B 9 -6.42 13.56 -3.91
C ILE B 9 -7.72 13.54 -4.70
N ILE B 10 -7.91 12.45 -5.43
CA ILE B 10 -9.05 12.31 -6.28
C ILE B 10 -9.84 11.07 -5.95
N ARG B 11 -11.09 11.06 -6.41
CA ARG B 11 -11.90 9.82 -6.47
C ARG B 11 -11.17 8.69 -7.16
N SER B 12 -11.22 7.52 -6.53
CA SER B 12 -10.64 6.30 -7.07
C SER B 12 -11.11 5.93 -8.47
N ASP B 13 -12.41 6.19 -8.73
CA ASP B 13 -13.00 5.84 -10.05
C ASP B 13 -12.41 6.64 -11.21
N LYS B 14 -11.75 7.74 -10.87
CA LYS B 14 -11.20 8.72 -11.83
C LYS B 14 -9.75 8.41 -12.23
N LEU B 15 -9.18 7.34 -11.66
CA LEU B 15 -7.81 6.97 -11.95
C LEU B 15 -7.54 6.88 -13.43
N GLU B 16 -8.40 6.21 -14.20
CA GLU B 16 -8.15 6.06 -15.66
C GLU B 16 -8.28 7.37 -16.42
N ASP B 17 -9.33 8.13 -16.17
CA ASP B 17 -9.45 9.41 -16.87
C ASP B 17 -8.31 10.38 -16.56
N LEU B 18 -7.64 10.21 -15.43
CA LEU B 18 -6.41 10.98 -15.19
C LEU B 18 -5.22 10.54 -16.03
N LYS B 19 -4.95 9.23 -16.02
CA LYS B 19 -3.86 8.63 -16.74
C LYS B 19 -3.90 9.03 -18.23
N ALA B 20 -5.07 8.89 -18.84
CA ALA B 20 -5.27 9.06 -20.27
C ALA B 20 -5.04 10.50 -20.62
N ALA B 21 -5.67 11.38 -19.82
CA ALA B 21 -5.53 12.83 -19.95
C ALA B 21 -4.07 13.24 -19.83
N LEU B 22 -3.35 12.69 -18.84
CA LEU B 22 -1.91 12.97 -18.69
C LEU B 22 -0.97 12.31 -19.75
N VAL B 23 -1.34 11.13 -20.24
CA VAL B 23 -0.60 10.49 -21.36
C VAL B 23 -0.50 11.44 -22.59
N GLN B 24 -1.65 12.02 -22.93
CA GLN B 24 -1.84 12.81 -24.13
C GLN B 24 -1.09 14.11 -24.05
N SER B 25 -1.15 14.75 -22.89
CA SER B 25 -0.39 15.96 -22.62
C SER B 25 1.15 15.76 -22.56
N GLY B 26 1.62 14.51 -22.57
CA GLY B 26 3.06 14.19 -22.54
C GLY B 26 3.61 14.30 -21.11
N PHE B 27 2.69 14.29 -20.15
CA PHE B 27 3.03 14.54 -18.77
C PHE B 27 3.04 13.29 -17.85
N ILE B 28 2.63 12.13 -18.37
CA ILE B 28 2.48 10.91 -17.56
C ILE B 28 3.79 10.46 -16.82
N LYS B 29 4.93 10.48 -17.52
CA LYS B 29 6.21 10.06 -16.96
C LYS B 29 6.56 10.71 -15.60
N GLY B 30 6.06 11.93 -15.41
CA GLY B 30 6.31 12.64 -14.18
C GLY B 30 5.46 12.19 -13.00
N MET B 31 4.49 11.30 -13.21
CA MET B 31 3.48 11.08 -12.19
C MET B 31 3.69 9.77 -11.43
N THR B 32 3.37 9.81 -10.14
CA THR B 32 3.45 8.66 -9.29
C THR B 32 2.06 8.58 -8.63
N ILE B 33 1.56 7.36 -8.47
CA ILE B 33 0.28 7.22 -7.83
C ILE B 33 0.24 6.23 -6.65
N SER B 34 -0.50 6.59 -5.62
CA SER B 34 -0.65 5.73 -4.44
C SER B 34 -2.14 5.65 -4.09
N GLN B 35 -2.49 4.63 -3.37
CA GLN B 35 -3.86 4.54 -2.89
C GLN B 35 -3.87 4.89 -1.43
N VAL B 36 -4.81 5.74 -1.05
CA VAL B 36 -4.80 6.18 0.33
C VAL B 36 -6.23 6.16 0.76
N LEU B 37 -6.42 6.26 2.07
CA LEU B 37 -7.74 6.46 2.65
C LEU B 37 -8.10 7.86 3.11
N GLY B 38 -9.27 8.34 2.69
CA GLY B 38 -9.84 9.55 3.25
C GLY B 38 -11.14 9.29 4.00
N PHE B 39 -11.85 10.39 4.29
CA PHE B 39 -13.09 10.36 5.10
C PHE B 39 -14.06 11.42 4.68
N GLY B 40 -15.34 11.05 4.58
CA GLY B 40 -16.34 12.00 4.06
C GLY B 40 -17.58 12.11 4.94
N THR B 57 -17.55 8.40 7.82
CA THR B 57 -17.47 7.65 6.53
C THR B 57 -16.04 7.40 6.01
N LEU B 58 -15.84 6.19 5.50
CA LEU B 58 -14.53 5.69 5.04
C LEU B 58 -14.46 5.73 3.52
N LEU B 59 -13.45 6.41 2.97
CA LEU B 59 -13.31 6.52 1.52
C LEU B 59 -11.94 6.08 0.95
N ALA B 60 -12.01 5.36 -0.15
CA ALA B 60 -10.84 4.90 -0.85
C ALA B 60 -10.51 5.92 -1.93
N LYS B 61 -9.38 6.59 -1.79
CA LYS B 61 -8.97 7.56 -2.81
C LYS B 61 -7.66 7.23 -3.45
N VAL B 62 -7.36 7.93 -4.53
CA VAL B 62 -6.06 7.86 -5.17
C VAL B 62 -5.31 9.20 -4.92
N LYS B 63 -4.04 9.11 -4.55
CA LYS B 63 -3.21 10.30 -4.38
C LYS B 63 -2.25 10.37 -5.53
N VAL B 64 -2.25 11.51 -6.25
CA VAL B 64 -1.26 11.65 -7.31
C VAL B 64 -0.18 12.70 -6.92
N GLU B 65 1.01 12.50 -7.44
CA GLU B 65 2.16 13.33 -7.11
C GLU B 65 2.92 13.51 -8.41
N ILE B 66 3.23 14.78 -8.73
CA ILE B 66 3.95 15.14 -9.96
C ILE B 66 4.96 16.23 -9.59
N VAL B 67 6.16 16.16 -10.16
CA VAL B 67 7.14 17.25 -9.98
C VAL B 67 7.25 17.88 -11.35
N ALA B 68 6.98 19.17 -11.44
CA ALA B 68 6.70 19.80 -12.73
C ALA B 68 7.42 21.10 -12.93
N HIS B 69 7.76 21.43 -14.17
CA HIS B 69 8.23 22.77 -14.47
C HIS B 69 7.11 23.80 -14.11
N ASP B 70 7.57 24.94 -13.56
CA ASP B 70 6.69 26.00 -13.05
C ASP B 70 5.72 26.46 -14.13
N ALA B 71 6.26 26.58 -15.33
CA ALA B 71 5.53 27.06 -16.52
C ALA B 71 4.35 26.15 -16.93
N ALA B 72 4.45 24.88 -16.56
CA ALA B 72 3.46 23.82 -16.88
C ALA B 72 2.38 23.64 -15.80
N VAL B 73 2.57 24.30 -14.64
CA VAL B 73 1.69 24.05 -13.50
C VAL B 73 0.22 24.42 -13.74
N GLU B 74 -0.04 25.62 -14.28
CA GLU B 74 -1.44 25.98 -14.65
C GLU B 74 -2.09 24.98 -15.58
N GLU B 75 -1.36 24.55 -16.62
CA GLU B 75 -1.95 23.61 -17.59
C GLU B 75 -2.14 22.24 -16.94
N MET B 76 -1.24 21.88 -16.00
CA MET B 76 -1.32 20.58 -15.32
C MET B 76 -2.55 20.57 -14.39
N ILE B 77 -2.78 21.69 -13.72
CA ILE B 77 -3.91 21.84 -12.80
C ILE B 77 -5.20 21.78 -13.60
N THR B 78 -5.23 22.53 -14.70
CA THR B 78 -6.39 22.56 -15.56
C THR B 78 -6.71 21.18 -16.08
N THR B 79 -5.68 20.47 -16.52
CA THR B 79 -5.82 19.09 -16.98
C THR B 79 -6.37 18.17 -15.89
N ILE B 80 -5.74 18.14 -14.72
CA ILE B 80 -6.22 17.29 -13.61
C ILE B 80 -7.68 17.58 -13.26
N SER B 81 -8.04 18.87 -13.22
CA SER B 81 -9.41 19.30 -12.92
C SER B 81 -10.43 18.83 -13.95
N GLN B 82 -10.14 19.00 -15.24
CA GLN B 82 -11.15 18.62 -16.24
C GLN B 82 -11.28 17.09 -16.29
N ALA B 83 -10.14 16.41 -16.17
CA ALA B 83 -10.13 14.98 -16.14
C ALA B 83 -10.84 14.30 -14.98
N VAL B 84 -11.05 14.95 -13.87
CA VAL B 84 -11.53 14.25 -12.71
C VAL B 84 -12.84 14.78 -12.20
N LYS B 85 -13.14 15.96 -12.70
CA LYS B 85 -14.14 16.76 -12.16
C LYS B 85 -15.18 15.79 -11.82
N THR B 86 -15.44 15.67 -10.54
CA THR B 86 -16.54 14.91 -10.04
C THR B 86 -17.62 15.45 -10.89
N GLY B 87 -18.81 15.00 -10.79
CA GLY B 87 -19.73 15.73 -11.62
C GLY B 87 -19.95 16.92 -10.75
N GLU B 88 -20.17 16.55 -9.50
CA GLU B 88 -20.82 17.36 -8.51
C GLU B 88 -20.01 17.73 -7.30
N VAL B 89 -20.00 16.91 -6.27
CA VAL B 89 -19.59 17.41 -4.95
C VAL B 89 -18.44 16.58 -4.36
N GLY B 90 -17.37 17.30 -4.01
CA GLY B 90 -16.13 16.72 -3.47
C GLY B 90 -15.42 15.65 -4.30
N ASP B 91 -15.04 15.97 -5.54
CA ASP B 91 -14.07 15.12 -6.22
C ASP B 91 -12.88 15.00 -5.29
N GLY B 92 -12.27 16.15 -5.04
CA GLY B 92 -11.09 16.25 -4.22
C GLY B 92 -10.39 17.58 -4.38
N LYS B 93 -9.07 17.54 -4.40
CA LYS B 93 -8.29 18.74 -4.16
C LYS B 93 -6.95 18.63 -4.88
N ILE B 94 -6.44 19.74 -5.45
CA ILE B 94 -5.09 19.77 -6.05
C ILE B 94 -4.29 20.86 -5.27
N PHE B 95 -3.12 20.50 -4.75
CA PHE B 95 -2.22 21.51 -4.07
C PHE B 95 -0.88 21.62 -4.76
N VAL B 96 -0.31 22.81 -4.75
CA VAL B 96 0.97 23.05 -5.38
C VAL B 96 1.85 23.46 -4.26
N SER B 97 3.08 22.92 -4.19
CA SER B 97 4.01 23.42 -3.19
C SER B 97 5.43 23.50 -3.83
N PRO B 98 6.32 24.28 -3.23
CA PRO B 98 7.61 24.56 -3.83
C PRO B 98 8.57 23.38 -3.70
N VAL B 99 9.47 23.29 -4.67
CA VAL B 99 10.63 22.38 -4.67
C VAL B 99 11.94 23.21 -4.79
N ASP B 100 12.82 23.13 -3.79
CA ASP B 100 14.16 23.76 -3.79
C ASP B 100 15.07 23.21 -4.88
N GLU B 101 15.16 21.88 -5.02
CA GLU B 101 15.88 21.36 -6.20
C GLU B 101 15.42 19.93 -6.45
N ILE B 102 15.66 19.51 -7.67
CA ILE B 102 15.59 18.11 -8.01
C ILE B 102 16.93 17.59 -8.58
N VAL B 103 17.34 16.42 -8.11
CA VAL B 103 18.51 15.73 -8.60
C VAL B 103 18.03 14.49 -9.42
N ARG B 104 18.49 14.36 -10.66
CA ARG B 104 18.23 13.12 -11.42
C ARG B 104 19.33 12.16 -11.09
N ILE B 105 18.98 10.97 -10.57
CA ILE B 105 19.96 9.97 -10.10
C ILE B 105 20.64 9.29 -11.27
N ARG B 106 21.98 9.27 -11.18
CA ARG B 106 22.92 8.56 -12.07
C ARG B 106 22.57 7.08 -12.34
N SER C 2 -13.70 -26.59 -12.72
CA SER C 2 -13.28 -26.13 -11.37
C SER C 2 -12.38 -24.87 -11.49
N MET C 3 -12.33 -24.08 -10.41
CA MET C 3 -11.62 -22.74 -10.42
C MET C 3 -10.35 -22.78 -9.57
N LYS C 4 -9.29 -22.09 -10.00
CA LYS C 4 -8.09 -21.96 -9.18
C LYS C 4 -7.69 -20.49 -9.07
N LYS C 5 -7.02 -20.17 -7.97
CA LYS C 5 -6.38 -18.87 -7.74
C LYS C 5 -4.91 -19.03 -8.04
N ILE C 6 -4.37 -18.20 -8.93
CA ILE C 6 -2.92 -18.25 -9.24
C ILE C 6 -2.31 -17.00 -8.59
N GLU C 7 -1.43 -17.16 -7.61
CA GLU C 7 -0.70 -16.00 -7.04
C GLU C 7 0.78 -16.04 -7.44
N ALA C 8 1.39 -14.87 -7.69
CA ALA C 8 2.84 -14.82 -7.95
C ALA C 8 3.47 -13.62 -7.28
N ILE C 9 4.63 -13.84 -6.68
CA ILE C 9 5.42 -12.75 -6.09
C ILE C 9 6.54 -12.57 -7.06
N ILE C 10 6.60 -11.41 -7.71
CA ILE C 10 7.58 -11.19 -8.78
C ILE C 10 8.49 -9.98 -8.46
N ARG C 11 9.66 -9.95 -9.12
CA ARG C 11 10.50 -8.72 -9.31
C ARG C 11 9.67 -7.53 -9.77
N SER C 12 9.84 -6.40 -9.07
CA SER C 12 9.03 -5.22 -9.31
C SER C 12 9.31 -4.70 -10.69
N ASP C 13 10.52 -4.92 -11.18
CA ASP C 13 10.81 -4.39 -12.50
C ASP C 13 10.17 -5.18 -13.66
N LYS C 14 9.37 -6.21 -13.30
CA LYS C 14 8.74 -7.11 -14.30
C LYS C 14 7.27 -6.82 -14.50
N LEU C 15 6.78 -5.84 -13.74
CA LEU C 15 5.34 -5.54 -13.73
C LEU C 15 4.85 -5.23 -15.16
N GLU C 16 5.59 -4.36 -15.87
CA GLU C 16 5.15 -4.04 -17.24
C GLU C 16 5.14 -5.26 -18.18
N ASP C 17 6.20 -6.06 -18.13
CA ASP C 17 6.36 -7.19 -19.01
C ASP C 17 5.28 -8.25 -18.74
N LEU C 18 4.99 -8.50 -17.46
CA LEU C 18 3.89 -9.33 -17.08
C LEU C 18 2.58 -8.76 -17.65
N LYS C 19 2.30 -7.49 -17.33
CA LYS C 19 1.13 -6.80 -17.80
C LYS C 19 1.01 -6.96 -19.33
N ALA C 20 2.09 -6.72 -20.07
CA ALA C 20 2.06 -6.81 -21.54
C ALA C 20 1.69 -8.19 -22.08
N ALA C 21 2.21 -9.21 -21.42
CA ALA C 21 2.01 -10.61 -21.82
C ALA C 21 0.55 -11.01 -21.62
N LEU C 22 -0.02 -10.59 -20.49
CA LEU C 22 -1.45 -10.77 -20.21
C LEU C 22 -2.45 -9.99 -21.07
N VAL C 23 -2.08 -8.78 -21.51
CA VAL C 23 -2.82 -8.11 -22.58
C VAL C 23 -2.85 -9.05 -23.82
N GLN C 24 -1.66 -9.46 -24.27
CA GLN C 24 -1.48 -10.37 -25.42
C GLN C 24 -2.27 -11.64 -25.22
N SER C 25 -2.18 -12.24 -24.04
CA SER C 25 -2.91 -13.43 -23.65
C SER C 25 -4.44 -13.30 -23.73
N GLY C 26 -4.97 -12.11 -23.45
CA GLY C 26 -6.40 -11.88 -23.36
C GLY C 26 -6.94 -12.05 -21.94
N PHE C 27 -6.04 -12.22 -20.97
CA PHE C 27 -6.38 -12.42 -19.55
C PHE C 27 -6.29 -11.24 -18.55
N ILE C 28 -5.60 -10.15 -18.93
CA ILE C 28 -5.37 -8.96 -18.07
C ILE C 28 -6.50 -8.57 -17.11
N LYS C 29 -7.73 -8.74 -17.54
CA LYS C 29 -8.85 -8.26 -16.76
C LYS C 29 -9.01 -9.13 -15.49
N GLY C 30 -8.56 -10.36 -15.56
CA GLY C 30 -8.52 -11.21 -14.38
C GLY C 30 -7.42 -10.89 -13.37
N MET C 31 -6.47 -10.02 -13.73
CA MET C 31 -5.34 -9.73 -12.84
C MET C 31 -5.50 -8.55 -11.88
N THR C 32 -5.13 -8.74 -10.61
CA THR C 32 -5.12 -7.70 -9.59
C THR C 32 -3.63 -7.55 -9.21
N ILE C 33 -3.10 -6.33 -9.08
CA ILE C 33 -1.76 -6.27 -8.53
C ILE C 33 -1.63 -5.39 -7.29
N SER C 34 -0.72 -5.76 -6.41
CA SER C 34 -0.41 -4.88 -5.29
C SER C 34 1.09 -4.96 -5.07
N GLN C 35 1.60 -4.11 -4.19
CA GLN C 35 3.02 -4.06 -3.93
C GLN C 35 3.22 -4.49 -2.48
N VAL C 36 4.20 -5.38 -2.23
CA VAL C 36 4.36 -6.00 -0.92
C VAL C 36 5.83 -5.98 -0.50
N LEU C 37 6.11 -6.09 0.78
CA LEU C 37 7.50 -6.30 1.20
C LEU C 37 7.82 -7.78 1.34
N GLY C 38 8.98 -8.20 0.85
CA GLY C 38 9.55 -9.51 1.15
C GLY C 38 10.99 -9.39 1.68
N PHE C 39 11.68 -10.53 1.81
CA PHE C 39 12.97 -10.60 2.53
C PHE C 39 13.92 -11.56 1.86
N GLY C 40 15.20 -11.18 1.80
CA GLY C 40 16.25 -12.11 1.35
C GLY C 40 17.34 -12.36 2.40
N ASN C 41 18.46 -12.94 1.95
CA ASN C 41 19.46 -13.50 2.88
C ASN C 41 20.85 -12.88 2.76
N THR C 55 20.33 -9.15 10.56
CA THR C 55 19.54 -8.32 9.65
C THR C 55 19.38 -8.97 8.26
N PRO C 56 18.12 -9.30 7.91
CA PRO C 56 17.77 -9.71 6.56
C PRO C 56 17.66 -8.55 5.57
N THR C 57 17.68 -8.93 4.31
CA THR C 57 17.60 -8.06 3.19
C THR C 57 16.09 -7.73 3.01
N LEU C 58 15.77 -6.42 2.87
CA LEU C 58 14.43 -5.88 2.59
C LEU C 58 14.16 -5.78 1.10
N LEU C 59 13.12 -6.48 0.62
CA LEU C 59 12.81 -6.50 -0.86
C LEU C 59 11.50 -5.84 -1.12
N ALA C 60 11.41 -5.05 -2.19
CA ALA C 60 10.14 -4.50 -2.60
C ALA C 60 9.62 -5.29 -3.78
N LYS C 61 8.49 -5.95 -3.56
CA LYS C 61 8.01 -6.89 -4.55
C LYS C 61 6.64 -6.50 -5.09
N VAL C 62 6.26 -7.19 -6.16
CA VAL C 62 4.94 -7.04 -6.75
C VAL C 62 4.20 -8.36 -6.55
N LYS C 63 2.98 -8.26 -6.01
CA LYS C 63 2.13 -9.44 -5.82
C LYS C 63 1.04 -9.43 -6.90
N VAL C 64 0.87 -10.59 -7.54
CA VAL C 64 -0.07 -10.81 -8.66
C VAL C 64 -1.16 -11.84 -8.19
N GLU C 65 -2.44 -11.50 -8.39
CA GLU C 65 -3.57 -12.46 -8.19
C GLU C 65 -4.42 -12.55 -9.46
N ILE C 66 -4.55 -13.78 -9.97
CA ILE C 66 -5.53 -14.07 -11.01
C ILE C 66 -6.29 -15.37 -10.67
N VAL C 67 -7.61 -15.33 -10.83
CA VAL C 67 -8.47 -16.54 -10.62
C VAL C 67 -8.84 -17.01 -11.97
N ALA C 68 -8.59 -18.30 -12.23
CA ALA C 68 -8.78 -18.88 -13.55
C ALA C 68 -9.43 -20.29 -13.48
N HIS C 69 -10.05 -20.70 -14.59
CA HIS C 69 -10.44 -22.08 -14.83
C HIS C 69 -9.25 -23.03 -14.75
N ASP C 70 -9.52 -24.22 -14.22
CA ASP C 70 -8.49 -25.22 -14.06
C ASP C 70 -7.73 -25.42 -15.35
N ALA C 71 -8.48 -25.33 -16.45
CA ALA C 71 -7.99 -25.63 -17.78
C ALA C 71 -6.91 -24.65 -18.20
N ALA C 72 -7.04 -23.41 -17.72
CA ALA C 72 -6.13 -22.30 -18.13
C ALA C 72 -4.86 -22.18 -17.25
N VAL C 73 -4.78 -23.00 -16.17
CA VAL C 73 -3.71 -22.88 -15.18
C VAL C 73 -2.32 -23.15 -15.75
N GLU C 74 -2.14 -24.25 -16.52
CA GLU C 74 -0.78 -24.54 -17.02
C GLU C 74 -0.28 -23.48 -17.95
N GLU C 75 -1.14 -23.05 -18.84
CA GLU C 75 -0.84 -22.00 -19.82
C GLU C 75 -0.50 -20.64 -19.15
N MET C 76 -1.21 -20.32 -18.07
CA MET C 76 -0.92 -19.18 -17.25
C MET C 76 0.43 -19.24 -16.53
N ILE C 77 0.76 -20.38 -15.93
CA ILE C 77 2.03 -20.48 -15.18
C ILE C 77 3.12 -20.14 -16.18
N THR C 78 2.99 -20.70 -17.38
CA THR C 78 3.90 -20.50 -18.51
C THR C 78 4.02 -19.04 -18.96
N THR C 79 2.90 -18.39 -19.28
CA THR C 79 2.87 -16.96 -19.57
C THR C 79 3.55 -16.15 -18.45
N ILE C 80 3.29 -16.49 -17.19
CA ILE C 80 3.83 -15.71 -16.11
C ILE C 80 5.37 -15.88 -16.14
N SER C 81 5.82 -17.14 -16.22
CA SER C 81 7.24 -17.51 -16.14
C SER C 81 8.06 -16.88 -17.24
N GLN C 82 7.61 -17.05 -18.48
CA GLN C 82 8.19 -16.49 -19.70
C GLN C 82 8.47 -15.00 -19.50
N ALA C 83 7.40 -14.27 -19.23
CA ALA C 83 7.45 -12.83 -19.12
C ALA C 83 8.39 -12.33 -18.03
N VAL C 84 8.54 -13.12 -16.96
CA VAL C 84 9.18 -12.63 -15.73
C VAL C 84 10.63 -13.14 -15.48
N LYS C 85 11.05 -14.21 -16.16
CA LYS C 85 12.37 -14.83 -15.90
C LYS C 85 13.56 -13.95 -16.36
N THR C 86 14.69 -14.08 -15.65
CA THR C 86 15.93 -13.32 -15.96
C THR C 86 17.32 -14.04 -15.97
N GLY C 87 17.71 -14.87 -15.00
CA GLY C 87 17.25 -14.89 -13.63
C GLY C 87 18.28 -14.63 -12.54
N GLU C 88 17.85 -14.92 -11.31
CA GLU C 88 18.70 -15.01 -10.14
C GLU C 88 17.97 -14.51 -8.90
N GLY C 90 14.49 -11.87 -7.28
CA GLY C 90 13.57 -12.52 -8.17
C GLY C 90 14.21 -13.82 -8.35
N ASP C 91 13.79 -14.48 -9.40
CA ASP C 91 12.79 -13.93 -10.26
C ASP C 91 11.39 -13.86 -9.68
N GLY C 92 11.09 -14.72 -8.70
CA GLY C 92 9.71 -14.94 -8.31
C GLY C 92 9.25 -16.37 -8.10
N LYS C 93 8.05 -16.46 -7.54
CA LYS C 93 7.37 -17.74 -7.30
C LYS C 93 5.89 -17.60 -7.64
N ILE C 94 5.29 -18.71 -8.08
CA ILE C 94 3.89 -18.78 -8.44
C ILE C 94 3.27 -19.91 -7.59
N PHE C 95 2.14 -19.62 -6.94
CA PHE C 95 1.40 -20.63 -6.16
C PHE C 95 0.03 -20.83 -6.80
N VAL C 96 -0.42 -22.08 -6.89
CA VAL C 96 -1.81 -22.38 -7.27
C VAL C 96 -2.61 -22.84 -6.08
N SER C 97 -3.80 -22.27 -5.87
CA SER C 97 -4.63 -22.77 -4.80
C SER C 97 -6.09 -22.98 -5.22
N PRO C 98 -6.81 -23.85 -4.47
CA PRO C 98 -8.19 -24.05 -4.90
C PRO C 98 -9.13 -22.90 -4.48
N VAL C 99 -10.19 -22.73 -5.27
CA VAL C 99 -11.25 -21.79 -4.99
C VAL C 99 -12.58 -22.63 -4.99
N ASP C 100 -13.38 -22.58 -3.94
CA ASP C 100 -14.71 -23.28 -3.86
C ASP C 100 -15.69 -22.63 -4.82
N GLU C 101 -15.72 -21.30 -4.84
CA GLU C 101 -16.61 -20.64 -5.79
C GLU C 101 -16.25 -19.22 -5.98
N ILE C 102 -16.69 -18.73 -7.12
CA ILE C 102 -16.57 -17.36 -7.51
C ILE C 102 -17.98 -16.78 -7.76
N VAL C 103 -18.28 -15.65 -7.11
CA VAL C 103 -19.56 -15.03 -7.36
C VAL C 103 -19.25 -13.71 -8.05
N ARG C 104 -19.81 -13.50 -9.24
CA ARG C 104 -19.64 -12.23 -9.97
C ARG C 104 -20.75 -11.30 -9.64
N ILE C 105 -20.42 -10.10 -9.18
CA ILE C 105 -21.43 -9.15 -8.65
C ILE C 105 -21.97 -8.26 -9.81
N ARG C 106 -23.30 -8.14 -9.96
CA ARG C 106 -23.80 -7.11 -10.94
C ARG C 106 -25.11 -6.42 -10.49
N GLY D 1 5.78 -33.98 0.92
CA GLY D 1 5.44 -33.46 -0.44
C GLY D 1 4.57 -32.21 -0.49
N SER D 2 3.67 -32.06 0.49
CA SER D 2 2.53 -31.09 0.41
C SER D 2 2.91 -29.66 0.86
N MET D 3 2.29 -28.66 0.22
CA MET D 3 2.54 -27.25 0.54
C MET D 3 1.34 -26.60 1.20
N LYS D 4 1.55 -25.60 2.05
CA LYS D 4 0.43 -24.84 2.68
C LYS D 4 0.70 -23.35 2.64
N LYS D 5 -0.34 -22.56 2.74
CA LYS D 5 -0.20 -21.13 2.85
C LYS D 5 -0.61 -20.77 4.27
N ILE D 6 0.27 -20.04 4.95
CA ILE D 6 0.07 -19.61 6.30
C ILE D 6 -0.04 -18.09 6.19
N GLU D 7 -1.19 -17.56 6.62
CA GLU D 7 -1.47 -16.14 6.60
C GLU D 7 -1.82 -15.76 8.00
N ALA D 8 -1.40 -14.58 8.42
CA ALA D 8 -1.71 -14.07 9.76
C ALA D 8 -1.97 -12.58 9.69
N ILE D 9 -2.97 -12.15 10.44
CA ILE D 9 -3.19 -10.71 10.62
C ILE D 9 -2.68 -10.43 12.04
N ILE D 10 -1.77 -9.48 12.16
CA ILE D 10 -1.17 -9.20 13.46
C ILE D 10 -1.30 -7.70 13.74
N ARG D 11 -1.21 -7.33 15.02
CA ARG D 11 -1.00 -5.97 15.47
C ARG D 11 0.27 -5.42 14.81
N SER D 12 0.19 -4.19 14.30
CA SER D 12 1.33 -3.54 13.61
C SER D 12 2.58 -3.41 14.40
N ASP D 13 2.41 -3.20 15.71
CA ASP D 13 3.54 -2.97 16.57
C ASP D 13 4.36 -4.24 16.77
N LYS D 14 3.79 -5.41 16.39
CA LYS D 14 4.49 -6.69 16.50
C LYS D 14 5.26 -7.11 15.25
N LEU D 15 5.38 -6.19 14.30
CA LEU D 15 6.14 -6.42 13.08
C LEU D 15 7.60 -6.77 13.32
N GLU D 16 8.30 -5.96 14.14
CA GLU D 16 9.72 -6.27 14.41
C GLU D 16 9.90 -7.63 15.03
N ASP D 17 9.08 -7.92 16.02
CA ASP D 17 9.21 -9.13 16.88
C ASP D 17 9.00 -10.42 16.03
N LEU D 18 7.98 -10.38 15.19
CA LEU D 18 7.79 -11.41 14.14
C LEU D 18 8.95 -11.52 13.11
N LYS D 19 9.35 -10.41 12.50
CA LYS D 19 10.56 -10.43 11.69
C LYS D 19 11.77 -11.17 12.33
N ALA D 20 12.07 -10.77 13.57
CA ALA D 20 13.26 -11.22 14.27
C ALA D 20 13.13 -12.69 14.57
N ALA D 21 11.92 -13.08 15.01
CA ALA D 21 11.67 -14.50 15.33
C ALA D 21 11.77 -15.34 14.06
N LEU D 22 11.28 -14.83 12.93
CA LEU D 22 11.45 -15.61 11.67
C LEU D 22 12.87 -15.68 11.09
N VAL D 23 13.67 -14.64 11.33
CA VAL D 23 15.08 -14.64 10.90
C VAL D 23 15.88 -15.75 11.61
N GLN D 24 15.69 -15.78 12.92
CA GLN D 24 16.29 -16.75 13.79
C GLN D 24 15.96 -18.16 13.34
N SER D 25 14.69 -18.41 13.02
CA SER D 25 14.23 -19.71 12.56
C SER D 25 14.63 -20.09 11.17
N GLY D 26 15.27 -19.15 10.46
CA GLY D 26 15.71 -19.41 9.10
C GLY D 26 14.57 -19.43 8.10
N PHE D 27 13.40 -18.92 8.51
CA PHE D 27 12.14 -18.99 7.70
C PHE D 27 11.85 -17.65 6.98
N ILE D 28 12.43 -16.55 7.44
CA ILE D 28 12.14 -15.19 6.89
C ILE D 28 12.00 -15.11 5.32
N LYS D 29 12.85 -15.82 4.57
CA LYS D 29 12.85 -15.71 3.11
C LYS D 29 11.51 -16.02 2.46
N GLY D 30 10.75 -16.91 3.09
CA GLY D 30 9.38 -17.25 2.59
C GLY D 30 8.26 -16.24 2.86
N MET D 31 8.57 -15.13 3.54
CA MET D 31 7.53 -14.24 4.05
C MET D 31 7.35 -12.94 3.23
N THR D 32 6.11 -12.63 2.87
CA THR D 32 5.80 -11.28 2.37
C THR D 32 4.90 -10.60 3.39
N ILE D 33 4.99 -9.33 3.47
CA ILE D 33 4.15 -8.66 4.42
C ILE D 33 3.52 -7.41 3.74
N SER D 34 2.39 -6.98 4.07
CA SER D 34 1.77 -5.78 3.56
C SER D 34 0.95 -5.16 4.69
N GLN D 35 0.60 -3.89 4.54
CA GLN D 35 -0.12 -3.23 5.61
C GLN D 35 -1.57 -3.15 5.19
N VAL D 36 -2.49 -3.47 6.10
CA VAL D 36 -3.92 -3.52 5.78
C VAL D 36 -4.71 -2.74 6.83
N LEU D 37 -5.96 -2.49 6.54
CA LEU D 37 -6.80 -1.94 7.57
C LEU D 37 -7.76 -2.93 8.15
N GLY D 38 -7.98 -2.85 9.44
CA GLY D 38 -8.92 -3.78 10.09
C GLY D 38 -9.77 -2.98 11.06
N PHE D 39 -10.59 -3.67 11.83
CA PHE D 39 -11.58 -2.95 12.66
C PHE D 39 -11.73 -3.61 14.02
N GLY D 40 -12.00 -2.81 15.03
CA GLY D 40 -12.36 -3.34 16.32
C GLY D 40 -13.65 -2.73 16.82
N ASN D 41 -13.83 -2.89 18.13
CA ASN D 41 -15.05 -2.44 18.80
C ASN D 41 -14.70 -1.37 19.84
N GLN D 42 -15.59 -0.40 20.02
CA GLN D 42 -15.25 0.90 20.64
C GLN D 42 -14.54 0.94 22.03
N PRO D 56 -17.34 1.35 14.64
CA PRO D 56 -16.23 0.55 15.11
C PRO D 56 -14.91 1.28 15.04
N THR D 57 -13.98 0.86 15.85
CA THR D 57 -12.69 1.44 15.83
C THR D 57 -11.95 0.99 14.60
N LEU D 58 -10.98 1.77 14.19
CA LEU D 58 -10.16 1.54 13.03
C LEU D 58 -8.78 1.14 13.44
N LEU D 59 -8.26 0.07 12.86
CA LEU D 59 -7.00 -0.52 13.30
C LEU D 59 -6.00 -0.69 12.15
N ALA D 60 -4.76 -0.28 12.35
CA ALA D 60 -3.68 -0.56 11.40
C ALA D 60 -3.10 -1.95 11.64
N LYS D 61 -3.10 -2.77 10.60
CA LYS D 61 -2.59 -4.12 10.79
C LYS D 61 -1.50 -4.49 9.77
N VAL D 62 -0.80 -5.58 10.06
CA VAL D 62 0.10 -6.22 9.11
C VAL D 62 -0.50 -7.56 8.74
N LYS D 63 -0.47 -7.85 7.45
CA LYS D 63 -0.90 -9.15 6.88
C LYS D 63 0.39 -9.86 6.48
N VAL D 64 0.54 -11.08 6.99
CA VAL D 64 1.74 -11.86 6.86
C VAL D 64 1.37 -13.01 5.87
N GLU D 65 2.26 -13.36 4.96
CA GLU D 65 1.94 -14.44 4.03
C GLU D 65 3.13 -15.33 3.76
N ILE D 66 3.07 -16.59 4.21
CA ILE D 66 4.16 -17.49 3.89
C ILE D 66 3.69 -18.84 3.36
N VAL D 67 4.39 -19.32 2.34
CA VAL D 67 4.06 -20.59 1.71
C VAL D 67 5.10 -21.57 2.21
N ALA D 68 4.66 -22.64 2.89
CA ALA D 68 5.57 -23.48 3.61
C ALA D 68 5.30 -24.94 3.36
N HIS D 69 6.30 -25.75 3.70
CA HIS D 69 6.15 -27.19 3.74
C HIS D 69 5.15 -27.57 4.83
N ASP D 70 4.24 -28.50 4.49
CA ASP D 70 3.25 -28.97 5.44
C ASP D 70 3.88 -29.29 6.79
N ALA D 71 5.02 -29.97 6.80
CA ALA D 71 5.62 -30.37 8.10
C ALA D 71 6.17 -29.19 8.90
N ALA D 72 6.37 -28.04 8.27
CA ALA D 72 6.87 -26.86 9.04
C ALA D 72 5.73 -26.00 9.55
N VAL D 73 4.50 -26.37 9.19
CA VAL D 73 3.32 -25.56 9.53
C VAL D 73 3.13 -25.36 11.03
N GLU D 74 3.16 -26.45 11.83
CA GLU D 74 2.95 -26.26 13.27
C GLU D 74 4.01 -25.35 13.88
N GLU D 75 5.27 -25.54 13.46
CA GLU D 75 6.37 -24.72 14.02
C GLU D 75 6.11 -23.27 13.70
N MET D 76 5.67 -23.04 12.47
CA MET D 76 5.43 -21.71 12.01
C MET D 76 4.38 -21.01 12.83
N ILE D 77 3.29 -21.71 13.14
CA ILE D 77 2.19 -21.23 14.01
C ILE D 77 2.70 -20.92 15.39
N THR D 78 3.53 -21.83 15.96
CA THR D 78 4.11 -21.62 17.28
C THR D 78 4.93 -20.36 17.28
N THR D 79 5.72 -20.22 16.21
CA THR D 79 6.64 -19.12 16.06
C THR D 79 5.93 -17.78 15.99
N ILE D 80 4.97 -17.65 15.08
CA ILE D 80 4.15 -16.42 14.96
C ILE D 80 3.40 -16.12 16.28
N SER D 81 2.67 -17.12 16.75
CA SER D 81 1.92 -17.01 18.02
C SER D 81 2.77 -16.49 19.15
N GLN D 82 3.91 -17.12 19.37
CA GLN D 82 4.84 -16.66 20.39
C GLN D 82 5.38 -15.25 20.14
N ALA D 83 5.68 -14.93 18.89
CA ALA D 83 6.32 -13.66 18.60
C ALA D 83 5.37 -12.49 18.83
N VAL D 84 4.08 -12.71 18.60
CA VAL D 84 3.19 -11.59 18.50
C VAL D 84 2.12 -11.48 19.61
N LYS D 85 2.00 -12.48 20.47
CA LYS D 85 0.97 -12.40 21.54
C LYS D 85 1.27 -11.43 22.69
N THR D 86 0.19 -10.89 23.22
CA THR D 86 0.15 -10.05 24.40
C THR D 86 -1.06 -10.54 25.17
N GLY D 87 -2.14 -10.73 24.42
CA GLY D 87 -3.38 -11.38 24.80
C GLY D 87 -4.52 -10.54 25.32
N GLU D 88 -5.55 -10.20 24.54
CA GLU D 88 -5.58 -10.03 23.11
C GLU D 88 -6.68 -9.02 22.91
N ASP D 91 -4.76 -9.31 19.51
CA ASP D 91 -3.53 -9.96 19.09
C ASP D 91 -3.61 -10.38 17.61
N GLY D 92 -4.71 -10.99 17.20
CA GLY D 92 -4.86 -11.42 15.83
C GLY D 92 -5.03 -12.93 15.60
N LYS D 93 -4.74 -13.37 14.37
CA LYS D 93 -5.04 -14.74 14.06
C LYS D 93 -4.19 -15.29 12.95
N ILE D 94 -4.13 -16.60 12.85
CA ILE D 94 -3.33 -17.17 11.84
C ILE D 94 -4.26 -18.14 11.12
N PHE D 95 -4.16 -18.26 9.82
CA PHE D 95 -4.93 -19.33 9.17
C PHE D 95 -4.15 -20.04 8.12
N VAL D 96 -4.42 -21.32 7.97
CA VAL D 96 -3.64 -22.15 7.05
C VAL D 96 -4.54 -22.59 5.95
N SER D 97 -4.04 -22.53 4.71
CA SER D 97 -4.87 -23.07 3.62
C SER D 97 -4.01 -23.89 2.66
N PRO D 98 -4.66 -24.64 1.78
CA PRO D 98 -3.95 -25.53 0.86
C PRO D 98 -3.34 -24.83 -0.32
N VAL D 99 -2.24 -25.38 -0.79
CA VAL D 99 -1.64 -24.93 -1.98
C VAL D 99 -1.48 -26.17 -2.82
N ASP D 100 -1.95 -26.12 -4.07
CA ASP D 100 -1.87 -27.27 -5.00
C ASP D 100 -0.48 -27.39 -5.58
N GLU D 101 0.13 -26.27 -5.99
CA GLU D 101 1.49 -26.38 -6.44
C GLU D 101 2.26 -25.07 -6.33
N ILE D 102 3.57 -25.18 -6.29
CA ILE D 102 4.38 -23.98 -6.26
C ILE D 102 5.43 -24.10 -7.36
N VAL D 103 5.61 -23.02 -8.10
CA VAL D 103 6.56 -23.06 -9.18
C VAL D 103 7.54 -21.92 -8.94
N ARG D 104 8.83 -22.20 -9.13
CA ARG D 104 9.86 -21.14 -9.10
C ARG D 104 10.13 -20.61 -10.50
N ILE D 105 10.11 -19.29 -10.68
CA ILE D 105 10.38 -18.77 -12.04
C ILE D 105 11.90 -18.73 -12.31
N SER E 2 -3.11 32.18 4.00
CA SER E 2 -2.36 31.15 3.17
C SER E 2 -2.70 29.74 3.69
N MET E 3 -2.33 28.73 2.90
CA MET E 3 -2.51 27.29 3.27
C MET E 3 -1.18 26.61 3.68
N LYS E 4 -1.26 25.51 4.42
CA LYS E 4 -0.10 24.73 4.87
C LYS E 4 -0.46 23.20 4.80
N LYS E 5 0.51 22.38 4.42
CA LYS E 5 0.37 20.92 4.51
C LYS E 5 0.89 20.44 5.87
N ILE E 6 0.07 19.73 6.61
CA ILE E 6 0.53 19.13 7.85
C ILE E 6 0.68 17.61 7.61
N GLU E 7 1.84 17.07 7.94
CA GLU E 7 2.00 15.64 7.90
C GLU E 7 2.43 15.12 9.22
N ALA E 8 1.88 13.98 9.62
CA ALA E 8 2.26 13.35 10.89
C ALA E 8 2.61 11.88 10.58
N ILE E 9 3.71 11.39 11.15
CA ILE E 9 4.07 9.98 11.04
C ILE E 9 3.95 9.51 12.45
N ILE E 10 2.95 8.67 12.67
CA ILE E 10 2.57 8.19 14.00
C ILE E 10 2.69 6.68 14.18
N ARG E 11 2.77 6.29 15.46
CA ARG E 11 2.60 4.91 15.85
C ARG E 11 1.25 4.35 15.33
N SER E 12 1.33 3.18 14.68
CA SER E 12 0.18 2.52 14.09
C SER E 12 -0.99 2.36 15.02
N ASP E 13 -0.69 2.13 16.30
CA ASP E 13 -1.77 1.80 17.25
C ASP E 13 -2.54 3.04 17.70
N LYS E 14 -2.16 4.21 17.17
CA LYS E 14 -2.87 5.44 17.56
C LYS E 14 -3.78 5.96 16.45
N LEU E 15 -3.89 5.17 15.37
CA LEU E 15 -4.82 5.47 14.30
C LEU E 15 -6.20 5.79 14.83
N GLU E 16 -6.76 4.90 15.69
CA GLU E 16 -8.12 5.15 16.17
C GLU E 16 -8.19 6.46 16.96
N ASP E 17 -7.28 6.66 17.91
CA ASP E 17 -7.37 7.87 18.74
C ASP E 17 -7.31 9.13 17.90
N LEU E 18 -6.42 9.16 16.88
CA LEU E 18 -6.32 10.28 15.96
C LEU E 18 -7.61 10.52 15.18
N LYS E 19 -8.14 9.42 14.62
CA LYS E 19 -9.41 9.48 13.91
C LYS E 19 -10.50 10.11 14.78
N ALA E 20 -10.60 9.60 16.00
CA ALA E 20 -11.60 10.06 16.97
C ALA E 20 -11.38 11.54 17.31
N ALA E 21 -10.11 11.90 17.52
CA ALA E 21 -9.77 13.29 17.88
C ALA E 21 -10.17 14.27 16.78
N LEU E 22 -9.92 13.86 15.54
CA LEU E 22 -10.24 14.70 14.39
C LEU E 22 -11.71 14.71 14.03
N VAL E 23 -12.39 13.61 14.28
CA VAL E 23 -13.85 13.63 14.24
C VAL E 23 -14.35 14.76 15.17
N GLN E 24 -13.95 14.65 16.42
CA GLN E 24 -14.43 15.53 17.47
C GLN E 24 -14.10 17.01 17.23
N SER E 25 -12.87 17.29 16.79
CA SER E 25 -12.51 18.67 16.44
C SER E 25 -13.20 19.14 15.14
N GLY E 26 -13.83 18.21 14.42
CA GLY E 26 -14.54 18.51 13.15
C GLY E 26 -13.71 18.63 11.90
N PHE E 27 -12.50 18.06 11.92
CA PHE E 27 -11.55 18.15 10.81
C PHE E 27 -11.19 16.81 10.13
N ILE E 28 -11.96 15.77 10.40
CA ILE E 28 -11.70 14.44 9.80
C ILE E 28 -11.70 14.48 8.27
N LYS E 29 -12.66 15.19 7.66
CA LYS E 29 -12.82 15.19 6.20
C LYS E 29 -11.56 15.71 5.45
N GLY E 30 -10.77 16.55 6.14
CA GLY E 30 -9.54 17.08 5.57
C GLY E 30 -8.37 16.09 5.61
N MET E 31 -8.55 14.92 6.26
CA MET E 31 -7.47 13.99 6.51
C MET E 31 -7.41 12.80 5.57
N THR E 32 -6.23 12.59 4.99
CA THR E 32 -5.86 11.40 4.23
C THR E 32 -4.95 10.47 5.07
N ILE E 33 -5.12 9.16 5.00
CA ILE E 33 -4.15 8.33 5.74
C ILE E 33 -3.55 7.20 4.94
N SER E 34 -2.25 7.00 5.05
CA SER E 34 -1.73 5.73 4.53
C SER E 34 -0.82 5.03 5.52
N GLN E 35 -0.43 3.82 5.19
CA GLN E 35 0.45 3.11 6.06
C GLN E 35 1.82 3.02 5.36
N VAL E 36 2.87 3.23 6.12
CA VAL E 36 4.23 3.24 5.56
C VAL E 36 5.15 2.43 6.43
N LEU E 37 6.34 2.19 5.94
CA LEU E 37 7.36 1.48 6.68
C LEU E 37 8.41 2.46 7.21
N GLY E 38 8.71 2.43 8.52
CA GLY E 38 9.85 3.18 9.08
C GLY E 38 10.81 2.25 9.82
N PHE E 39 11.75 2.84 10.58
CA PHE E 39 12.79 2.10 11.21
C PHE E 39 13.18 2.62 12.57
N GLY E 40 13.59 1.71 13.46
CA GLY E 40 14.20 2.05 14.76
C GLY E 40 15.56 1.39 15.01
N ASN E 41 16.06 1.47 16.24
CA ASN E 41 17.46 1.14 16.59
C ASN E 41 18.48 1.72 15.62
N PRO E 56 19.20 -2.41 12.39
CA PRO E 56 17.93 -1.70 12.53
C PRO E 56 16.80 -2.58 13.04
N THR E 57 15.62 -1.98 13.08
CA THR E 57 14.36 -2.52 13.55
C THR E 57 13.33 -2.05 12.51
N LEU E 58 12.28 -2.85 12.31
CA LEU E 58 11.21 -2.52 11.31
C LEU E 58 9.95 -2.03 11.98
N LEU E 59 9.47 -0.86 11.57
CA LEU E 59 8.31 -0.28 12.17
C LEU E 59 7.21 -0.02 11.16
N ALA E 60 6.00 -0.41 11.53
CA ALA E 60 4.86 -0.16 10.66
C ALA E 60 4.26 1.11 11.19
N LYS E 61 4.26 2.13 10.36
CA LYS E 61 3.77 3.43 10.80
C LYS E 61 2.54 3.78 9.97
N VAL E 62 1.86 4.79 10.48
CA VAL E 62 0.76 5.41 9.79
C VAL E 62 1.16 6.84 9.46
N LYS E 63 0.91 7.24 8.23
CA LYS E 63 1.21 8.61 7.78
C LYS E 63 -0.10 9.32 7.60
N VAL E 64 -0.21 10.53 8.18
CA VAL E 64 -1.43 11.35 8.17
C VAL E 64 -1.14 12.64 7.38
N GLU E 65 -1.95 12.97 6.39
CA GLU E 65 -1.79 14.22 5.62
C GLU E 65 -3.02 15.08 5.69
N ILE E 66 -2.84 16.37 5.97
CA ILE E 66 -3.95 17.32 6.06
C ILE E 66 -3.49 18.65 5.53
N VAL E 67 -4.30 19.28 4.69
CA VAL E 67 -3.94 20.62 4.21
C VAL E 67 -4.92 21.53 4.89
N ALA E 68 -4.42 22.54 5.59
CA ALA E 68 -5.22 23.40 6.43
C ALA E 68 -4.81 24.84 6.26
N HIS E 69 -5.68 25.68 6.81
CA HIS E 69 -5.45 27.10 6.89
C HIS E 69 -4.36 27.39 7.87
N ASP E 70 -3.59 28.40 7.55
CA ASP E 70 -2.49 28.79 8.38
C ASP E 70 -2.93 28.98 9.78
N ALA E 71 -4.06 29.67 9.95
CA ALA E 71 -4.66 29.92 11.28
C ALA E 71 -5.07 28.67 12.06
N ALA E 72 -5.31 27.54 11.36
CA ALA E 72 -5.81 26.28 12.00
C ALA E 72 -4.63 25.39 12.46
N VAL E 73 -3.44 25.74 11.95
CA VAL E 73 -2.20 24.99 12.19
C VAL E 73 -1.90 24.70 13.65
N GLU E 74 -1.86 25.73 14.49
CA GLU E 74 -1.44 25.47 15.84
C GLU E 74 -2.35 24.52 16.54
N GLU E 75 -3.64 24.74 16.35
CA GLU E 75 -4.67 23.95 16.96
C GLU E 75 -4.57 22.49 16.51
N MET E 76 -4.35 22.32 15.21
CA MET E 76 -4.19 21.00 14.64
C MET E 76 -3.05 20.18 15.25
N ILE E 77 -1.89 20.82 15.41
CA ILE E 77 -0.71 20.18 15.97
C ILE E 77 -1.00 19.74 17.41
N THR E 78 -1.58 20.65 18.15
CA THR E 78 -2.09 20.33 19.48
C THR E 78 -3.01 19.12 19.48
N THR E 79 -4.01 19.10 18.59
CA THR E 79 -5.03 17.99 18.57
C THR E 79 -4.39 16.67 18.12
N ILE E 80 -3.53 16.72 17.11
CA ILE E 80 -2.75 15.50 16.79
C ILE E 80 -1.85 15.05 17.96
N SER E 81 -1.11 16.00 18.58
CA SER E 81 -0.18 15.64 19.63
C SER E 81 -0.85 14.98 20.83
N GLN E 82 -1.95 15.57 21.25
CA GLN E 82 -2.73 15.01 22.35
C GLN E 82 -3.29 13.63 22.03
N ALA E 83 -3.86 13.46 20.86
CA ALA E 83 -4.42 12.17 20.45
C ALA E 83 -3.40 10.99 20.47
N VAL E 84 -2.18 11.30 20.10
CA VAL E 84 -1.18 10.31 19.73
C VAL E 84 -0.08 10.07 20.77
N LYS E 85 0.09 10.96 21.75
CA LYS E 85 1.31 11.02 22.58
C LYS E 85 1.60 9.81 23.50
N ASP E 91 6.41 7.60 20.12
CA ASP E 91 6.84 7.85 18.75
C ASP E 91 5.85 8.67 17.90
N GLY E 92 6.42 9.73 17.31
CA GLY E 92 5.75 10.47 16.29
C GLY E 92 6.36 11.82 16.00
N LYS E 93 6.07 12.33 14.82
CA LYS E 93 6.48 13.65 14.41
C LYS E 93 5.48 14.26 13.48
N ILE E 94 5.43 15.60 13.51
CA ILE E 94 4.50 16.34 12.71
C ILE E 94 5.32 17.39 11.99
N PHE E 95 5.16 17.52 10.69
CA PHE E 95 5.89 18.57 9.98
C PHE E 95 4.94 19.43 9.19
N VAL E 96 5.25 20.72 9.15
CA VAL E 96 4.41 21.63 8.44
C VAL E 96 5.20 22.18 7.28
N SER E 97 4.55 22.27 6.13
CA SER E 97 5.21 22.72 4.94
C SER E 97 4.28 23.61 4.08
N PRO E 98 4.88 24.46 3.23
CA PRO E 98 4.05 25.53 2.63
C PRO E 98 3.31 25.05 1.41
N VAL E 99 2.16 25.64 1.16
CA VAL E 99 1.43 25.39 -0.05
C VAL E 99 1.29 26.70 -0.83
N ASP E 100 1.62 26.67 -2.11
CA ASP E 100 1.42 27.84 -2.99
C ASP E 100 -0.07 28.07 -3.28
N GLU E 101 -0.78 27.00 -3.59
CA GLU E 101 -2.19 27.14 -3.84
C GLU E 101 -2.90 25.84 -3.72
N ILE E 102 -4.19 25.97 -3.44
CA ILE E 102 -5.15 24.82 -3.44
C ILE E 102 -6.30 25.14 -4.42
N VAL E 103 -6.73 24.13 -5.16
CA VAL E 103 -7.85 24.21 -6.08
C VAL E 103 -8.77 23.06 -5.66
N ARG E 104 -9.91 23.39 -5.02
CA ARG E 104 -10.91 22.40 -4.62
C ARG E 104 -11.70 22.11 -5.91
N ILE E 105 -11.74 20.86 -6.36
CA ILE E 105 -12.12 20.58 -7.76
C ILE E 105 -13.64 20.52 -7.98
N SER F 2 17.83 25.74 9.11
CA SER F 2 16.44 25.30 8.93
C SER F 2 16.29 23.85 8.40
N MET F 3 15.03 23.44 8.23
CA MET F 3 14.67 22.02 8.03
C MET F 3 14.27 21.78 6.62
N LYS F 4 14.72 20.65 6.04
CA LYS F 4 14.30 20.31 4.65
C LYS F 4 13.69 18.90 4.50
N LYS F 5 12.74 18.76 3.59
CA LYS F 5 12.23 17.42 3.27
C LYS F 5 12.92 16.91 2.02
N ILE F 6 13.49 15.70 2.15
CA ILE F 6 14.10 15.01 1.02
C ILE F 6 13.24 13.82 0.62
N GLU F 7 12.90 13.70 -0.66
CA GLU F 7 12.01 12.64 -1.13
C GLU F 7 12.72 12.03 -2.31
N ALA F 8 12.69 10.72 -2.43
CA ALA F 8 13.20 10.13 -3.66
C ALA F 8 12.28 9.11 -4.17
N ILE F 9 12.20 9.03 -5.48
CA ILE F 9 11.57 7.92 -6.12
C ILE F 9 12.70 7.08 -6.72
N ILE F 10 12.78 5.81 -6.36
CA ILE F 10 13.92 4.94 -6.72
C ILE F 10 13.49 3.60 -7.37
N ARG F 11 14.44 2.91 -8.02
CA ARG F 11 14.14 1.51 -8.43
C ARG F 11 13.79 0.69 -7.17
N SER F 12 12.73 -0.11 -7.29
CA SER F 12 12.32 -1.00 -6.22
C SER F 12 13.41 -1.91 -5.87
N ASP F 13 14.17 -2.32 -6.86
CA ASP F 13 15.28 -3.26 -6.56
C ASP F 13 16.47 -2.72 -5.78
N LYS F 14 16.48 -1.42 -5.61
CA LYS F 14 17.52 -0.71 -4.86
C LYS F 14 17.11 -0.40 -3.39
N LEU F 15 15.98 -0.98 -2.90
CA LEU F 15 15.57 -0.77 -1.50
C LEU F 15 16.58 -1.18 -0.40
N GLU F 16 17.14 -2.40 -0.49
CA GLU F 16 18.09 -2.88 0.48
C GLU F 16 19.39 -2.03 0.46
N ASP F 17 19.86 -1.69 -0.72
CA ASP F 17 21.12 -0.92 -0.84
C ASP F 17 20.87 0.42 -0.13
N LEU F 18 19.78 1.08 -0.47
CA LEU F 18 19.42 2.32 0.26
C LEU F 18 19.32 2.19 1.80
N LYS F 19 18.59 1.16 2.24
CA LYS F 19 18.42 0.86 3.64
C LYS F 19 19.78 0.66 4.36
N ALA F 20 20.62 -0.21 3.79
CA ALA F 20 21.99 -0.45 4.30
C ALA F 20 22.85 0.82 4.33
N ALA F 21 22.84 1.62 3.24
CA ALA F 21 23.52 2.92 3.26
C ALA F 21 22.98 3.86 4.33
N LEU F 22 21.66 3.87 4.53
CA LEU F 22 21.14 4.79 5.51
C LEU F 22 21.43 4.29 6.92
N VAL F 23 21.43 2.99 7.12
CA VAL F 23 21.85 2.47 8.42
C VAL F 23 23.31 2.93 8.70
N GLN F 24 24.21 2.69 7.76
CA GLN F 24 25.63 2.92 7.92
C GLN F 24 25.82 4.43 8.26
N SER F 25 25.03 5.29 7.62
CA SER F 25 25.18 6.73 7.75
C SER F 25 24.50 7.28 9.01
N GLY F 26 23.74 6.44 9.69
CA GLY F 26 23.15 6.78 10.94
C GLY F 26 21.82 7.54 10.84
N PHE F 27 21.27 7.68 9.63
CA PHE F 27 20.03 8.43 9.34
C PHE F 27 18.76 7.59 9.33
N ILE F 28 18.87 6.28 9.43
CA ILE F 28 17.74 5.37 9.09
C ILE F 28 16.43 5.70 9.82
N LYS F 29 16.54 6.12 11.08
CA LYS F 29 15.37 6.29 11.93
C LYS F 29 14.50 7.43 11.41
N GLY F 30 15.09 8.32 10.62
CA GLY F 30 14.32 9.41 10.03
C GLY F 30 13.65 9.04 8.71
N MET F 31 13.91 7.85 8.19
CA MET F 31 13.38 7.47 6.86
C MET F 31 12.09 6.65 6.88
N THR F 32 11.15 7.06 6.06
CA THR F 32 9.99 6.18 5.80
C THR F 32 9.88 5.80 4.34
N ILE F 33 9.40 4.57 4.09
CA ILE F 33 9.31 4.10 2.73
C ILE F 33 7.92 3.60 2.31
N SER F 34 7.57 3.77 1.06
CA SER F 34 6.33 3.19 0.59
C SER F 34 6.54 2.81 -0.85
N GLN F 35 5.59 2.09 -1.41
CA GLN F 35 5.72 1.62 -2.75
C GLN F 35 4.60 2.29 -3.52
N VAL F 36 4.95 2.80 -4.69
CA VAL F 36 4.04 3.66 -5.47
C VAL F 36 4.09 3.17 -6.91
N LEU F 37 3.11 3.54 -7.70
CA LEU F 37 3.12 3.22 -9.11
C LEU F 37 3.57 4.41 -9.93
N GLY F 38 4.47 4.13 -10.85
CA GLY F 38 5.02 5.18 -11.69
C GLY F 38 4.80 4.81 -13.14
N PHE F 39 5.27 5.68 -14.04
CA PHE F 39 5.03 5.47 -15.49
C PHE F 39 6.20 5.70 -16.40
N GLY F 40 6.49 4.71 -17.22
CA GLY F 40 7.44 4.86 -18.29
C GLY F 40 6.59 5.09 -19.53
N THR F 57 3.86 2.84 -19.96
CA THR F 57 4.58 1.74 -19.31
C THR F 57 4.27 1.79 -17.81
N LEU F 58 3.98 0.64 -17.18
CA LEU F 58 3.65 0.62 -15.73
C LEU F 58 4.84 0.29 -14.89
N LEU F 59 5.10 1.09 -13.85
CA LEU F 59 6.28 0.81 -13.05
C LEU F 59 5.94 0.68 -11.57
N ALA F 60 6.60 -0.26 -10.89
CA ALA F 60 6.43 -0.38 -9.41
C ALA F 60 7.68 0.20 -8.82
N LYS F 61 7.55 1.37 -8.16
CA LYS F 61 8.68 2.08 -7.53
C LYS F 61 8.60 2.14 -6.01
N VAL F 62 9.73 2.55 -5.41
CA VAL F 62 9.79 2.81 -4.02
C VAL F 62 9.91 4.33 -3.84
N LYS F 63 9.09 4.87 -2.94
CA LYS F 63 9.12 6.27 -2.53
C LYS F 63 9.79 6.31 -1.14
N VAL F 64 10.77 7.17 -1.03
CA VAL F 64 11.56 7.38 0.17
C VAL F 64 11.28 8.79 0.70
N GLU F 65 11.11 8.95 2.01
CA GLU F 65 10.92 10.27 2.62
C GLU F 65 11.71 10.44 3.90
N ILE F 66 12.36 11.60 4.04
CA ILE F 66 13.09 11.96 5.29
C ILE F 66 13.14 13.47 5.49
N VAL F 67 13.11 13.90 6.74
CA VAL F 67 13.25 15.33 7.04
C VAL F 67 14.59 15.52 7.74
N ALA F 68 15.38 16.50 7.29
CA ALA F 68 16.77 16.68 7.75
C ALA F 68 17.13 18.14 7.84
N HIS F 69 18.17 18.41 8.64
CA HIS F 69 18.71 19.74 8.78
C HIS F 69 19.19 20.08 7.43
N ASP F 70 19.01 21.36 7.06
CA ASP F 70 19.52 21.89 5.82
C ASP F 70 21.00 21.52 5.61
N ALA F 71 21.81 21.57 6.69
CA ALA F 71 23.27 21.26 6.65
C ALA F 71 23.58 19.81 6.30
N ALA F 72 22.60 18.93 6.42
CA ALA F 72 22.78 17.49 6.14
C ALA F 72 22.20 17.07 4.75
N VAL F 73 21.61 18.04 4.06
CA VAL F 73 21.01 17.80 2.77
C VAL F 73 21.96 17.26 1.70
N GLU F 74 23.16 17.87 1.56
CA GLU F 74 24.08 17.42 0.56
C GLU F 74 24.53 15.97 0.85
N GLU F 75 24.72 15.67 2.13
CA GLU F 75 25.24 14.34 2.55
C GLU F 75 24.11 13.32 2.27
N MET F 76 22.86 13.65 2.64
CA MET F 76 21.71 12.77 2.28
C MET F 76 21.57 12.53 0.79
N ILE F 77 21.59 13.59 -0.04
CA ILE F 77 21.52 13.44 -1.50
C ILE F 77 22.55 12.45 -2.02
N THR F 78 23.81 12.64 -1.60
CA THR F 78 24.92 11.91 -2.16
C THR F 78 24.84 10.47 -1.64
N THR F 79 24.45 10.29 -0.36
CA THR F 79 24.23 8.95 0.20
C THR F 79 23.14 8.13 -0.58
N ILE F 80 21.97 8.71 -0.79
CA ILE F 80 20.92 8.08 -1.63
C ILE F 80 21.38 7.76 -3.04
N SER F 81 21.99 8.75 -3.72
CA SER F 81 22.42 8.61 -5.11
C SER F 81 23.43 7.48 -5.24
N GLN F 82 24.41 7.51 -4.35
CA GLN F 82 25.43 6.46 -4.35
C GLN F 82 24.80 5.05 -4.14
N ALA F 83 23.79 4.96 -3.27
CA ALA F 83 23.27 3.66 -2.90
C ALA F 83 22.38 3.10 -4.01
N VAL F 84 21.85 3.99 -4.84
CA VAL F 84 20.73 3.66 -5.71
C VAL F 84 21.00 3.82 -7.23
N LYS F 85 22.10 4.46 -7.63
CA LYS F 85 22.39 4.63 -9.07
C LYS F 85 22.87 3.31 -9.69
N THR F 86 22.79 3.18 -11.02
CA THR F 86 23.29 2.01 -11.79
C THR F 86 23.92 2.38 -13.14
N GLY F 87 23.81 3.66 -13.52
CA GLY F 87 23.97 4.04 -14.91
C GLY F 87 22.61 4.13 -15.59
N GLU F 88 21.65 4.67 -14.88
CA GLU F 88 20.61 5.43 -15.44
C GLU F 88 19.95 4.86 -16.59
N VAL F 89 19.09 3.92 -16.49
CA VAL F 89 18.15 4.07 -17.57
C VAL F 89 16.86 4.58 -16.99
N GLY F 90 16.96 5.29 -15.90
CA GLY F 90 15.83 5.65 -15.09
C GLY F 90 16.01 5.21 -13.66
N ASP F 91 17.12 5.57 -13.09
CA ASP F 91 17.33 5.29 -11.67
C ASP F 91 16.38 6.01 -10.69
N GLY F 92 15.85 7.17 -11.09
CA GLY F 92 14.95 7.98 -10.26
C GLY F 92 15.29 9.46 -10.04
N LYS F 93 14.68 10.04 -9.03
CA LYS F 93 14.82 11.50 -8.81
C LYS F 93 14.80 11.73 -7.30
N ILE F 94 15.47 12.79 -6.84
CA ILE F 94 15.48 13.21 -5.46
C ILE F 94 14.94 14.65 -5.52
N PHE F 95 13.99 15.01 -4.67
CA PHE F 95 13.52 16.40 -4.60
C PHE F 95 13.66 16.84 -3.17
N VAL F 96 14.08 18.09 -3.02
CA VAL F 96 14.19 18.74 -1.71
C VAL F 96 13.14 19.82 -1.62
N SER F 97 12.47 19.91 -0.49
CA SER F 97 11.41 20.88 -0.32
C SER F 97 11.46 21.49 1.04
N PRO F 98 11.01 22.77 1.17
CA PRO F 98 11.02 23.39 2.42
C PRO F 98 10.07 22.81 3.46
N VAL F 99 10.51 22.86 4.69
CA VAL F 99 9.68 22.48 5.82
C VAL F 99 9.69 23.69 6.74
N ASP F 100 8.52 24.12 7.23
CA ASP F 100 8.43 25.29 8.13
C ASP F 100 8.73 24.89 9.53
N GLU F 101 8.30 23.70 9.94
CA GLU F 101 8.53 23.35 11.33
C GLU F 101 8.41 21.85 11.53
N ILE F 102 9.16 21.33 12.49
CA ILE F 102 8.93 19.97 12.91
C ILE F 102 8.72 19.87 14.43
N VAL F 103 7.72 19.06 14.84
CA VAL F 103 7.38 18.88 16.25
C VAL F 103 7.66 17.39 16.58
N ARG F 104 8.42 17.06 17.64
CA ARG F 104 8.56 15.65 18.07
C ARG F 104 7.42 15.43 19.02
N ILE F 105 6.49 14.48 18.79
CA ILE F 105 5.38 14.26 19.74
C ILE F 105 5.84 13.54 21.02
#